data_1J1S
#
_entry.id   1J1S
#
_cell.length_a   79.100
_cell.length_b   85.300
_cell.length_c   92.500
_cell.angle_alpha   90.00
_cell.angle_beta   90.00
_cell.angle_gamma   90.00
#
_symmetry.space_group_name_H-M   'I 2 2 2'
#
loop_
_entity.id
_entity.type
_entity.pdbx_description
1 polymer 'Antiviral Protein S'
2 non-polymer 2-acetamido-2-deoxy-beta-D-glucopyranose
3 non-polymer "FORMYCIN-5'-MONOPHOSPHATE"
4 water water
#
_entity_poly.entity_id   1
_entity_poly.type   'polypeptide(L)'
_entity_poly.pdbx_seq_one_letter_code
;INTITFDAGNATINKYATFMESLRNEAKDPSLKCYGIPMLPNTNSTIKYLLVKLQGASLKTITLMLRRNNLYVMGYSDPY
DNKCRYHIFNDIKGTEYSDVENTLCPSSNPRVAKPINYNGLYPTLEKKAGVTSRNEVQLGIQILSSDIGKISGQGSFTEK
IEAKFLLVAIQMVSEAARFKYIENQVKTNFNRDFSPNDKVLDLEENWGKISTAIHNSKNGALPKPLELKNADGTKWIVLR
VDEIKPDVGLLNYVNGTCQAT
;
_entity_poly.pdbx_strand_id   A
#
# COMPACT_ATOMS: atom_id res chain seq x y z
N ILE A 1 -1.78 -15.84 -6.78
CA ILE A 1 -1.76 -16.81 -5.74
C ILE A 1 -3.04 -16.46 -5.00
N ASN A 2 -3.03 -17.10 -3.83
CA ASN A 2 -3.96 -16.83 -2.73
C ASN A 2 -4.27 -15.31 -2.58
N THR A 3 -5.55 -14.98 -2.37
CA THR A 3 -5.99 -13.63 -1.99
C THR A 3 -5.46 -13.42 -0.57
N ILE A 4 -4.73 -12.36 -0.21
CA ILE A 4 -4.31 -12.23 1.16
C ILE A 4 -5.51 -11.56 1.88
N THR A 5 -6.02 -12.02 3.05
CA THR A 5 -7.12 -11.38 3.82
C THR A 5 -6.69 -10.83 5.18
N PHE A 6 -7.14 -9.62 5.52
CA PHE A 6 -6.98 -9.03 6.85
C PHE A 6 -8.33 -8.54 7.36
N ASP A 7 -8.64 -9.09 8.54
CA ASP A 7 -9.80 -8.78 9.34
C ASP A 7 -9.50 -7.63 10.28
N ALA A 8 -9.87 -6.42 9.87
CA ALA A 8 -9.74 -5.20 10.66
C ALA A 8 -10.76 -5.06 11.75
N GLY A 9 -11.83 -5.86 11.67
CA GLY A 9 -12.92 -5.77 12.62
C GLY A 9 -12.55 -6.50 13.89
N ASN A 10 -11.81 -7.59 13.71
CA ASN A 10 -11.37 -8.35 14.88
C ASN A 10 -9.83 -8.45 14.95
N ALA A 11 -9.09 -7.34 14.97
CA ALA A 11 -7.63 -7.37 14.96
C ALA A 11 -6.77 -7.31 16.24
N THR A 12 -5.60 -7.95 16.06
CA THR A 12 -4.50 -7.86 17.02
C THR A 12 -3.22 -7.42 16.32
N ILE A 13 -2.21 -7.00 17.10
CA ILE A 13 -0.92 -6.59 16.58
C ILE A 13 -0.24 -7.70 15.83
N ASN A 14 -0.41 -8.88 16.42
CA ASN A 14 0.18 -10.08 15.87
C ASN A 14 -0.45 -10.52 14.55
N LYS A 15 -1.78 -10.34 14.34
CA LYS A 15 -2.46 -10.68 13.08
C LYS A 15 -2.08 -9.68 11.98
N TYR A 16 -1.90 -8.39 12.32
CA TYR A 16 -1.45 -7.38 11.38
C TYR A 16 0.02 -7.58 11.04
N ALA A 17 0.83 -7.99 12.03
CA ALA A 17 2.20 -8.28 11.76
C ALA A 17 2.30 -9.45 10.78
N THR A 18 1.42 -10.44 10.91
CA THR A 18 1.33 -11.64 10.03
C THR A 18 0.93 -11.30 8.61
N PHE A 19 -0.10 -10.44 8.49
CA PHE A 19 -0.57 -9.86 7.24
C PHE A 19 0.59 -9.18 6.49
N MET A 20 1.42 -8.35 7.15
CA MET A 20 2.57 -7.71 6.51
C MET A 20 3.58 -8.69 5.96
N GLU A 21 3.92 -9.65 6.81
CA GLU A 21 4.83 -10.73 6.50
C GLU A 21 4.27 -11.52 5.33
N SER A 22 2.98 -11.85 5.29
CA SER A 22 2.33 -12.51 4.15
C SER A 22 2.48 -11.72 2.85
N LEU A 23 2.02 -10.48 2.90
CA LEU A 23 2.02 -9.59 1.76
C LEU A 23 3.44 -9.45 1.27
N ARG A 24 4.45 -9.34 2.15
CA ARG A 24 5.82 -9.17 1.73
C ARG A 24 6.34 -10.41 1.09
N ASN A 25 6.03 -11.60 1.58
CA ASN A 25 6.54 -12.78 0.89
C ASN A 25 5.87 -13.06 -0.44
N GLU A 26 4.60 -12.70 -0.64
CA GLU A 26 3.92 -12.92 -1.93
C GLU A 26 4.31 -11.90 -2.96
N ALA A 27 4.60 -10.67 -2.56
CA ALA A 27 4.96 -9.57 -3.45
C ALA A 27 6.37 -9.68 -3.98
N LYS A 28 7.28 -10.16 -3.13
CA LYS A 28 8.71 -10.16 -3.47
C LYS A 28 9.13 -11.15 -4.56
N ASP A 29 10.15 -10.69 -5.28
CA ASP A 29 10.78 -11.54 -6.28
C ASP A 29 11.53 -12.55 -5.44
N PRO A 30 11.36 -13.88 -5.59
CA PRO A 30 12.02 -14.87 -4.73
C PRO A 30 13.56 -14.81 -4.69
N SER A 31 14.18 -14.40 -5.80
CA SER A 31 15.63 -14.32 -5.81
C SER A 31 16.18 -12.96 -5.45
N LEU A 32 15.73 -11.83 -6.03
CA LEU A 32 16.26 -10.49 -5.76
C LEU A 32 16.25 -10.04 -4.33
N LYS A 33 17.37 -9.39 -4.00
CA LYS A 33 17.63 -8.98 -2.62
C LYS A 33 18.93 -8.15 -2.53
N CYS A 34 19.04 -7.09 -1.74
CA CYS A 34 20.26 -6.32 -1.66
C CYS A 34 20.42 -6.05 -0.20
N TYR A 35 21.57 -6.35 0.40
CA TYR A 35 21.85 -6.10 1.80
C TYR A 35 20.80 -6.71 2.69
N GLY A 36 20.30 -7.83 2.14
CA GLY A 36 19.36 -8.69 2.80
C GLY A 36 17.93 -8.19 2.77
N ILE A 37 17.61 -7.11 2.06
CA ILE A 37 16.24 -6.59 2.02
C ILE A 37 15.66 -7.12 0.71
N PRO A 38 14.52 -7.80 0.73
CA PRO A 38 13.85 -8.30 -0.46
C PRO A 38 13.34 -7.22 -1.42
N MET A 39 13.44 -7.52 -2.68
CA MET A 39 13.15 -6.59 -3.73
C MET A 39 12.01 -7.21 -4.53
N LEU A 40 11.18 -6.29 -5.06
CA LEU A 40 10.04 -6.61 -5.89
C LEU A 40 10.53 -7.03 -7.28
N PRO A 41 9.76 -7.81 -8.09
CA PRO A 41 10.17 -8.31 -9.41
C PRO A 41 10.09 -7.20 -10.44
N ASN A 42 10.58 -7.32 -11.68
CA ASN A 42 10.16 -6.26 -12.56
C ASN A 42 8.83 -6.53 -13.26
N THR A 43 8.45 -5.85 -14.34
CA THR A 43 7.07 -5.94 -14.84
C THR A 43 6.65 -7.12 -15.66
N ASN A 44 7.63 -8.02 -15.86
CA ASN A 44 7.45 -9.30 -16.53
C ASN A 44 7.55 -10.55 -15.66
N SER A 45 7.15 -10.46 -14.39
CA SER A 45 6.97 -11.60 -13.51
C SER A 45 6.00 -12.65 -14.04
N THR A 46 5.97 -13.97 -13.68
CA THR A 46 4.89 -14.89 -14.17
C THR A 46 3.47 -14.52 -13.61
N ILE A 47 3.42 -13.82 -12.42
CA ILE A 47 2.22 -13.30 -11.75
C ILE A 47 2.38 -11.78 -11.56
N LYS A 48 1.51 -11.00 -12.17
CA LYS A 48 1.65 -9.57 -12.12
C LYS A 48 0.83 -8.86 -11.06
N TYR A 49 -0.18 -9.52 -10.50
CA TYR A 49 -1.05 -8.88 -9.53
C TYR A 49 -1.25 -9.66 -8.23
N LEU A 50 -1.69 -8.94 -7.21
CA LEU A 50 -1.95 -9.38 -5.85
C LEU A 50 -3.36 -8.94 -5.47
N LEU A 51 -4.19 -9.75 -4.83
CA LEU A 51 -5.50 -9.27 -4.40
C LEU A 51 -5.50 -9.29 -2.89
N VAL A 52 -6.03 -8.23 -2.29
CA VAL A 52 -6.04 -8.12 -0.84
C VAL A 52 -7.44 -7.79 -0.32
N LYS A 53 -8.02 -8.76 0.37
CA LYS A 53 -9.31 -8.61 0.98
C LYS A 53 -9.28 -8.12 2.39
N LEU A 54 -10.03 -7.05 2.65
CA LEU A 54 -10.13 -6.46 3.97
C LEU A 54 -11.56 -6.60 4.52
N GLN A 55 -11.69 -6.76 5.83
CA GLN A 55 -13.00 -6.95 6.42
C GLN A 55 -13.17 -6.02 7.57
N GLY A 56 -14.36 -5.48 7.62
CA GLY A 56 -14.74 -4.59 8.71
C GLY A 56 -15.43 -5.35 9.83
N ALA A 57 -15.71 -4.63 10.91
CA ALA A 57 -16.43 -5.17 12.05
C ALA A 57 -17.89 -5.44 11.71
N SER A 58 -18.42 -4.80 10.68
CA SER A 58 -19.75 -5.04 10.15
C SER A 58 -19.83 -6.36 9.42
N LEU A 59 -18.63 -6.93 9.16
CA LEU A 59 -18.39 -8.09 8.34
C LEU A 59 -18.45 -7.81 6.82
N LYS A 60 -18.64 -6.54 6.37
CA LYS A 60 -18.64 -6.20 4.94
C LYS A 60 -17.21 -6.26 4.39
N THR A 61 -16.98 -6.57 3.11
CA THR A 61 -15.60 -6.60 2.61
C THR A 61 -15.33 -5.67 1.45
N ILE A 62 -14.05 -5.30 1.31
CA ILE A 62 -13.52 -4.62 0.17
C ILE A 62 -12.25 -5.38 -0.29
N THR A 63 -12.09 -5.69 -1.59
CA THR A 63 -10.89 -6.32 -2.08
C THR A 63 -10.15 -5.31 -2.95
N LEU A 64 -8.90 -5.06 -2.53
CA LEU A 64 -8.00 -4.19 -3.27
C LEU A 64 -7.22 -4.95 -4.31
N MET A 65 -6.86 -4.42 -5.46
CA MET A 65 -5.95 -5.12 -6.36
C MET A 65 -4.70 -4.27 -6.58
N LEU A 66 -3.54 -4.86 -6.26
CA LEU A 66 -2.25 -4.21 -6.34
C LEU A 66 -1.45 -4.77 -7.49
N ARG A 67 -0.75 -3.88 -8.22
CA ARG A 67 0.24 -4.30 -9.19
C ARG A 67 1.45 -4.74 -8.37
N ARG A 68 1.97 -5.93 -8.61
CA ARG A 68 3.04 -6.51 -7.81
C ARG A 68 4.42 -5.88 -7.95
N ASN A 69 4.74 -5.27 -9.10
CA ASN A 69 6.02 -4.61 -9.39
C ASN A 69 6.36 -3.42 -8.47
N ASN A 70 5.32 -2.66 -8.07
CA ASN A 70 5.53 -1.49 -7.24
C ASN A 70 4.47 -1.34 -6.17
N LEU A 71 3.69 -2.40 -5.90
CA LEU A 71 2.60 -2.39 -4.92
C LEU A 71 1.58 -1.27 -5.06
N TYR A 72 1.19 -0.95 -6.28
CA TYR A 72 0.26 0.14 -6.53
C TYR A 72 -1.19 -0.35 -6.46
N VAL A 73 -2.08 0.30 -5.72
CA VAL A 73 -3.51 -0.04 -5.69
C VAL A 73 -4.01 0.55 -6.99
N MET A 74 -4.57 -0.31 -7.83
CA MET A 74 -5.16 0.04 -9.12
C MET A 74 -6.67 0.22 -9.09
N GLY A 75 -7.27 -0.29 -8.02
CA GLY A 75 -8.71 -0.36 -7.95
C GLY A 75 -9.15 -1.32 -6.89
N TYR A 76 -10.48 -1.43 -6.73
CA TYR A 76 -11.07 -2.24 -5.68
C TYR A 76 -12.44 -2.81 -6.03
N SER A 77 -12.91 -3.88 -5.37
CA SER A 77 -14.28 -4.36 -5.56
C SER A 77 -14.92 -4.51 -4.20
N ASP A 78 -16.26 -4.49 -4.20
CA ASP A 78 -17.08 -4.75 -3.03
C ASP A 78 -18.28 -5.59 -3.47
N PRO A 79 -18.97 -6.31 -2.59
CA PRO A 79 -20.27 -6.92 -2.89
C PRO A 79 -21.37 -5.87 -2.78
N TYR A 80 -22.10 -5.79 -3.89
CA TYR A 80 -23.15 -4.85 -4.05
C TYR A 80 -24.35 -5.39 -4.81
N ASP A 81 -25.49 -5.43 -4.10
CA ASP A 81 -26.78 -5.74 -4.67
C ASP A 81 -26.77 -7.03 -5.45
N ASN A 82 -26.14 -8.03 -4.82
CA ASN A 82 -25.85 -9.33 -5.43
C ASN A 82 -25.02 -9.32 -6.72
N LYS A 83 -24.10 -8.39 -6.74
CA LYS A 83 -23.22 -8.27 -7.83
C LYS A 83 -21.84 -7.94 -7.33
N CYS A 84 -20.83 -8.20 -8.14
CA CYS A 84 -19.49 -7.77 -7.85
C CYS A 84 -19.33 -6.38 -8.44
N ARG A 85 -19.17 -5.32 -7.66
CA ARG A 85 -19.00 -3.97 -8.17
C ARG A 85 -17.52 -3.56 -8.25
N TYR A 86 -16.94 -3.27 -9.43
CA TYR A 86 -15.52 -2.91 -9.57
C TYR A 86 -15.35 -1.42 -9.82
N HIS A 87 -14.37 -0.89 -9.07
CA HIS A 87 -14.06 0.52 -9.04
C HIS A 87 -12.62 0.71 -9.48
N ILE A 88 -12.38 1.32 -10.63
CA ILE A 88 -11.03 1.37 -11.19
C ILE A 88 -10.61 2.82 -11.43
N PHE A 89 -9.36 3.27 -11.14
CA PHE A 89 -8.97 4.67 -11.41
C PHE A 89 -9.00 5.08 -12.90
N ASN A 90 -9.28 6.36 -13.20
CA ASN A 90 -9.56 6.78 -14.57
C ASN A 90 -8.39 6.79 -15.55
N ASP A 91 -7.22 6.31 -15.11
CA ASP A 91 -6.00 6.24 -15.92
C ASP A 91 -5.48 4.81 -16.14
N ILE A 92 -6.22 3.81 -15.66
CA ILE A 92 -5.83 2.41 -15.86
C ILE A 92 -6.57 2.08 -17.15
N LYS A 93 -5.96 1.79 -18.30
CA LYS A 93 -6.80 1.45 -19.46
C LYS A 93 -6.30 0.28 -20.24
N GLY A 94 -7.12 -0.17 -21.17
CA GLY A 94 -6.80 -1.24 -22.10
C GLY A 94 -6.43 -2.58 -21.51
N THR A 95 -5.18 -3.14 -21.66
CA THR A 95 -4.88 -4.48 -21.13
C THR A 95 -4.85 -4.48 -19.60
N GLU A 96 -4.39 -3.41 -18.92
CA GLU A 96 -4.41 -3.34 -17.47
C GLU A 96 -5.81 -3.30 -16.91
N TYR A 97 -6.65 -2.44 -17.52
CA TYR A 97 -8.04 -2.28 -17.11
C TYR A 97 -8.79 -3.60 -17.11
N SER A 98 -8.60 -4.40 -18.18
CA SER A 98 -9.41 -5.61 -18.24
C SER A 98 -8.79 -6.77 -17.54
N ASP A 99 -7.52 -6.67 -17.11
CA ASP A 99 -7.01 -7.71 -16.20
C ASP A 99 -7.57 -7.36 -14.83
N VAL A 100 -7.75 -6.07 -14.51
CA VAL A 100 -8.23 -5.67 -13.22
C VAL A 100 -9.70 -5.95 -13.10
N GLU A 101 -10.50 -5.49 -14.04
CA GLU A 101 -11.94 -5.77 -14.02
C GLU A 101 -12.25 -7.24 -13.91
N ASN A 102 -11.70 -8.06 -14.82
CA ASN A 102 -11.89 -9.49 -14.83
C ASN A 102 -11.24 -10.25 -13.69
N THR A 103 -10.20 -9.79 -12.94
CA THR A 103 -9.67 -10.54 -11.80
C THR A 103 -10.44 -10.18 -10.55
N LEU A 104 -10.82 -8.93 -10.30
CA LEU A 104 -11.68 -8.57 -9.18
C LEU A 104 -13.08 -9.18 -9.31
N CYS A 105 -13.69 -9.10 -10.53
CA CYS A 105 -15.03 -9.60 -10.80
C CYS A 105 -15.09 -10.44 -12.07
N PRO A 106 -14.90 -11.74 -12.04
CA PRO A 106 -14.87 -12.56 -13.24
C PRO A 106 -16.18 -12.51 -14.05
N SER A 107 -15.96 -12.62 -15.33
CA SER A 107 -16.95 -12.68 -16.44
C SER A 107 -18.17 -13.57 -16.27
N SER A 108 -17.92 -14.65 -15.54
CA SER A 108 -18.88 -15.71 -15.45
C SER A 108 -19.86 -15.42 -14.35
N ASN A 109 -19.70 -14.38 -13.56
CA ASN A 109 -20.58 -14.04 -12.47
C ASN A 109 -21.10 -12.63 -12.63
N PRO A 110 -22.22 -12.18 -12.08
CA PRO A 110 -22.69 -10.80 -12.25
C PRO A 110 -21.78 -9.68 -11.75
N ARG A 111 -21.57 -8.63 -12.54
CA ARG A 111 -20.74 -7.50 -12.13
C ARG A 111 -21.26 -6.15 -12.61
N VAL A 112 -20.84 -5.02 -12.03
CA VAL A 112 -21.24 -3.67 -12.42
C VAL A 112 -20.11 -2.71 -12.09
N ALA A 113 -19.87 -1.79 -13.02
CA ALA A 113 -18.83 -0.77 -12.89
C ALA A 113 -19.33 0.39 -12.12
N LYS A 114 -18.38 0.91 -11.35
CA LYS A 114 -18.60 2.12 -10.62
C LYS A 114 -17.22 2.74 -10.61
N PRO A 115 -16.87 3.55 -11.62
CA PRO A 115 -15.58 4.23 -11.76
C PRO A 115 -15.18 5.08 -10.60
N ILE A 116 -13.86 5.01 -10.42
CA ILE A 116 -13.21 6.03 -9.61
C ILE A 116 -12.92 7.16 -10.63
N ASN A 117 -13.62 8.28 -10.56
CA ASN A 117 -13.43 9.34 -11.54
C ASN A 117 -12.26 10.31 -11.30
N TYR A 118 -11.16 9.72 -10.83
CA TYR A 118 -9.90 10.39 -10.60
C TYR A 118 -8.78 9.37 -10.62
N ASN A 119 -7.51 9.82 -10.66
CA ASN A 119 -6.37 8.92 -10.65
C ASN A 119 -5.88 8.58 -9.22
N GLY A 120 -4.93 7.62 -9.04
CA GLY A 120 -4.51 7.18 -7.70
C GLY A 120 -3.27 7.84 -7.12
N LEU A 121 -2.94 9.06 -7.51
CA LEU A 121 -1.80 9.78 -6.99
C LEU A 121 -2.23 10.54 -5.73
N TYR A 122 -1.31 10.61 -4.75
CA TYR A 122 -1.56 11.24 -3.47
C TYR A 122 -2.10 12.65 -3.51
N PRO A 123 -1.55 13.59 -4.27
CA PRO A 123 -2.13 14.91 -4.51
C PRO A 123 -3.60 14.98 -4.89
N THR A 124 -3.93 14.14 -5.86
CA THR A 124 -5.31 13.94 -6.34
C THR A 124 -6.14 13.41 -5.19
N LEU A 125 -5.65 12.40 -4.44
CA LEU A 125 -6.44 11.92 -3.33
C LEU A 125 -6.68 12.93 -2.20
N GLU A 126 -5.68 13.77 -1.88
CA GLU A 126 -5.75 14.79 -0.84
C GLU A 126 -6.78 15.81 -1.18
N LYS A 127 -6.73 16.24 -2.44
CA LYS A 127 -7.73 17.12 -3.02
C LYS A 127 -9.17 16.59 -2.91
N LYS A 128 -9.52 15.35 -3.30
CA LYS A 128 -10.88 14.84 -3.19
C LYS A 128 -11.32 14.71 -1.77
N ALA A 129 -10.36 14.37 -0.90
CA ALA A 129 -10.61 14.20 0.52
C ALA A 129 -10.82 15.53 1.25
N GLY A 130 -10.55 16.69 0.59
CA GLY A 130 -10.63 18.06 1.14
C GLY A 130 -9.47 18.54 2.05
N VAL A 131 -8.27 18.00 1.94
CA VAL A 131 -7.14 18.35 2.80
C VAL A 131 -6.00 18.91 1.99
N THR A 132 -5.25 19.76 2.68
CA THR A 132 -4.03 20.29 2.10
C THR A 132 -2.97 19.19 1.99
N SER A 133 -2.93 18.42 3.07
CA SER A 133 -1.99 17.35 3.18
C SER A 133 -2.59 16.11 3.82
N ARG A 134 -2.04 14.93 3.54
CA ARG A 134 -2.61 13.74 4.12
C ARG A 134 -2.28 13.59 5.58
N ASN A 135 -1.38 14.34 6.24
CA ASN A 135 -1.23 14.21 7.68
C ASN A 135 -2.50 14.76 8.37
N GLU A 136 -3.42 15.39 7.63
CA GLU A 136 -4.67 15.77 8.24
C GLU A 136 -5.62 14.62 8.30
N VAL A 137 -5.51 13.57 7.48
CA VAL A 137 -6.37 12.39 7.43
C VAL A 137 -5.84 11.40 8.43
N GLN A 138 -6.54 11.12 9.53
CA GLN A 138 -6.06 10.13 10.49
C GLN A 138 -6.16 8.65 10.05
N LEU A 139 -5.26 7.81 10.59
CA LEU A 139 -5.07 6.44 10.20
C LEU A 139 -5.38 5.62 11.41
N GLY A 140 -5.69 4.35 11.22
CA GLY A 140 -5.88 3.45 12.33
C GLY A 140 -6.81 2.31 11.96
N ILE A 141 -6.76 1.27 12.81
CA ILE A 141 -7.55 0.06 12.61
C ILE A 141 -9.05 0.31 12.75
N GLN A 142 -9.56 1.14 13.66
CA GLN A 142 -11.00 1.40 13.76
C GLN A 142 -11.48 2.19 12.52
N ILE A 143 -10.65 3.15 12.12
CA ILE A 143 -10.93 4.03 11.01
C ILE A 143 -11.02 3.19 9.77
N LEU A 144 -10.14 2.26 9.51
CA LEU A 144 -10.19 1.38 8.36
C LEU A 144 -11.49 0.53 8.32
N SER A 145 -11.82 -0.06 9.46
CA SER A 145 -13.04 -0.84 9.63
C SER A 145 -14.28 -0.01 9.40
N SER A 146 -14.39 1.18 10.00
CA SER A 146 -15.50 2.09 9.81
C SER A 146 -15.68 2.52 8.34
N ASP A 147 -14.54 2.82 7.67
CA ASP A 147 -14.48 3.21 6.28
C ASP A 147 -14.96 2.12 5.34
N ILE A 148 -14.63 0.86 5.54
CA ILE A 148 -15.17 -0.28 4.77
C ILE A 148 -16.69 -0.30 4.87
N GLY A 149 -17.24 -0.02 6.07
CA GLY A 149 -18.67 -0.05 6.27
C GLY A 149 -19.37 1.07 5.53
N LYS A 150 -18.69 2.21 5.43
CA LYS A 150 -19.26 3.35 4.76
C LYS A 150 -19.35 3.25 3.25
N ILE A 151 -18.65 2.32 2.62
CA ILE A 151 -18.62 2.17 1.18
C ILE A 151 -19.12 0.80 0.77
N SER A 152 -18.74 -0.29 1.41
CA SER A 152 -19.10 -1.61 0.99
C SER A 152 -20.59 -1.85 1.07
N GLY A 153 -21.17 -2.23 -0.07
CA GLY A 153 -22.60 -2.47 -0.30
C GLY A 153 -23.50 -1.24 -0.37
N GLN A 154 -22.99 0.01 -0.33
CA GLN A 154 -23.76 1.24 -0.29
C GLN A 154 -23.90 1.77 -1.67
N GLY A 155 -25.17 2.11 -1.94
CA GLY A 155 -25.53 2.57 -3.28
C GLY A 155 -24.95 3.93 -3.64
N SER A 156 -24.84 4.70 -2.54
CA SER A 156 -24.30 6.01 -2.58
C SER A 156 -23.40 6.40 -1.40
N PHE A 157 -22.27 6.93 -1.83
CA PHE A 157 -21.21 7.38 -0.93
C PHE A 157 -20.53 8.52 -1.65
N THR A 158 -19.95 9.46 -0.93
CA THR A 158 -19.29 10.57 -1.53
C THR A 158 -17.86 10.29 -2.06
N GLU A 159 -17.40 11.10 -3.00
CA GLU A 159 -15.99 10.99 -3.44
C GLU A 159 -15.02 11.43 -2.32
N LYS A 160 -15.48 12.25 -1.36
CA LYS A 160 -14.70 12.61 -0.20
C LYS A 160 -14.49 11.39 0.69
N ILE A 161 -15.46 10.51 1.03
CA ILE A 161 -15.16 9.39 1.90
C ILE A 161 -14.42 8.28 1.16
N GLU A 162 -14.60 8.18 -0.16
CA GLU A 162 -13.88 7.24 -0.97
C GLU A 162 -12.41 7.63 -0.97
N ALA A 163 -12.04 8.90 -1.12
CA ALA A 163 -10.66 9.28 -1.16
C ALA A 163 -10.02 9.17 0.20
N LYS A 164 -10.77 9.42 1.27
CA LYS A 164 -10.33 9.20 2.65
C LYS A 164 -10.08 7.73 2.92
N PHE A 165 -11.01 6.83 2.54
CA PHE A 165 -10.78 5.39 2.64
C PHE A 165 -9.52 5.01 1.81
N LEU A 166 -9.33 5.47 0.57
CA LEU A 166 -8.14 5.08 -0.16
C LEU A 166 -6.90 5.70 0.47
N LEU A 167 -6.88 6.88 1.11
CA LEU A 167 -5.68 7.38 1.78
C LEU A 167 -5.33 6.45 2.94
N VAL A 168 -6.29 5.99 3.69
CA VAL A 168 -6.04 5.04 4.78
C VAL A 168 -5.57 3.67 4.28
N ALA A 169 -6.22 3.09 3.26
CA ALA A 169 -5.92 1.75 2.78
C ALA A 169 -4.57 1.71 2.07
N ILE A 170 -4.17 2.66 1.21
CA ILE A 170 -2.86 2.64 0.57
C ILE A 170 -1.77 2.74 1.67
N GLN A 171 -1.93 3.51 2.76
CA GLN A 171 -0.89 3.63 3.74
C GLN A 171 -0.74 2.46 4.71
N MET A 172 -1.86 1.89 5.13
CA MET A 172 -1.84 0.74 6.01
C MET A 172 -1.65 -0.60 5.32
N VAL A 173 -1.68 -0.66 3.99
CA VAL A 173 -1.39 -1.88 3.27
C VAL A 173 -0.13 -1.68 2.43
N SER A 174 -0.13 -0.85 1.36
CA SER A 174 1.05 -0.64 0.55
C SER A 174 2.23 0.06 1.23
N GLU A 175 2.08 1.20 1.89
CA GLU A 175 3.18 1.87 2.55
C GLU A 175 3.69 1.06 3.71
N ALA A 176 2.76 0.39 4.41
CA ALA A 176 3.20 -0.39 5.54
C ALA A 176 4.03 -1.60 5.13
N ALA A 177 3.71 -2.16 3.95
CA ALA A 177 4.47 -3.27 3.44
C ALA A 177 5.84 -2.80 2.94
N ARG A 178 5.98 -1.63 2.33
CA ARG A 178 7.23 -1.09 1.82
C ARG A 178 8.16 -0.68 2.97
N PHE A 179 7.58 -0.09 4.02
CA PHE A 179 8.32 0.38 5.18
C PHE A 179 7.97 -0.20 6.53
N LYS A 180 8.90 -0.98 7.08
CA LYS A 180 8.74 -1.49 8.43
C LYS A 180 8.52 -0.39 9.44
N TYR A 181 9.01 0.83 9.20
CA TYR A 181 8.72 1.93 10.11
C TYR A 181 7.24 2.26 10.16
N ILE A 182 6.56 2.32 9.00
CA ILE A 182 5.14 2.66 8.99
C ILE A 182 4.35 1.51 9.59
N GLU A 183 4.67 0.23 9.31
CA GLU A 183 4.08 -0.91 9.97
C GLU A 183 4.26 -0.72 11.48
N ASN A 184 5.43 -0.34 12.02
CA ASN A 184 5.60 -0.18 13.46
C ASN A 184 4.85 1.03 14.02
N GLN A 185 4.52 2.08 13.25
CA GLN A 185 3.63 3.17 13.69
C GLN A 185 2.18 2.73 13.90
N VAL A 186 1.66 1.83 13.04
CA VAL A 186 0.35 1.21 13.21
C VAL A 186 0.37 0.31 14.47
N LYS A 187 1.38 -0.47 14.77
CA LYS A 187 1.33 -1.34 15.93
C LYS A 187 1.46 -0.56 17.22
N THR A 188 2.30 0.46 17.25
CA THR A 188 2.45 1.32 18.39
C THR A 188 1.17 1.98 18.83
N ASN A 189 0.41 2.44 17.85
CA ASN A 189 -0.84 3.11 18.05
C ASN A 189 -1.97 2.16 17.74
N PHE A 190 -1.83 0.84 18.02
CA PHE A 190 -2.81 -0.10 17.53
C PHE A 190 -4.21 0.18 18.01
N ASN A 191 -4.29 0.71 19.25
CA ASN A 191 -5.62 0.91 19.81
C ASN A 191 -6.13 2.32 19.78
N ARG A 192 -5.66 3.10 18.81
CA ARG A 192 -6.10 4.49 18.64
C ARG A 192 -6.01 5.07 17.20
N ASP A 193 -6.67 6.22 16.95
CA ASP A 193 -6.51 6.93 15.68
C ASP A 193 -5.27 7.77 15.72
N PHE A 194 -4.48 7.90 14.66
CA PHE A 194 -3.26 8.67 14.76
C PHE A 194 -2.97 9.46 13.51
N SER A 195 -2.30 10.62 13.57
CA SER A 195 -1.98 11.34 12.36
C SER A 195 -0.61 10.92 11.89
N PRO A 196 -0.31 10.60 10.63
CA PRO A 196 1.05 10.16 10.23
C PRO A 196 2.09 11.22 10.52
N ASN A 197 3.22 10.93 11.15
CA ASN A 197 4.19 11.97 11.40
C ASN A 197 5.04 12.30 10.19
N ASP A 198 5.96 13.28 10.31
CA ASP A 198 6.72 13.73 9.17
C ASP A 198 7.68 12.70 8.68
N LYS A 199 8.23 11.73 9.42
CA LYS A 199 9.07 10.68 8.85
C LYS A 199 8.19 9.72 8.06
N VAL A 200 6.93 9.47 8.44
CA VAL A 200 6.04 8.58 7.69
C VAL A 200 5.84 9.21 6.28
N LEU A 201 5.54 10.51 6.12
CA LEU A 201 5.34 11.09 4.80
C LEU A 201 6.59 11.14 3.93
N ASP A 202 7.72 11.42 4.55
CA ASP A 202 9.00 11.51 3.86
C ASP A 202 9.47 10.16 3.34
N LEU A 203 9.23 9.10 4.10
CA LEU A 203 9.62 7.80 3.65
C LEU A 203 8.79 7.43 2.47
N GLU A 204 7.47 7.70 2.49
CA GLU A 204 6.53 7.39 1.42
C GLU A 204 7.01 8.00 0.12
N GLU A 205 7.37 9.26 0.27
CA GLU A 205 7.84 10.08 -0.81
C GLU A 205 9.20 9.71 -1.40
N ASN A 206 10.07 9.16 -0.56
CA ASN A 206 11.38 8.78 -0.97
C ASN A 206 11.56 7.31 -1.16
N TRP A 207 10.57 6.40 -1.31
CA TRP A 207 10.85 4.99 -1.51
C TRP A 207 11.72 4.64 -2.73
N GLY A 208 11.49 5.30 -3.86
CA GLY A 208 12.27 5.04 -5.03
C GLY A 208 13.71 5.47 -4.80
N LYS A 209 13.92 6.67 -4.26
CA LYS A 209 15.24 7.20 -3.96
C LYS A 209 16.01 6.25 -3.06
N ILE A 210 15.39 5.81 -1.96
CA ILE A 210 15.94 4.86 -0.99
C ILE A 210 16.33 3.51 -1.62
N SER A 211 15.48 2.94 -2.50
CA SER A 211 15.73 1.68 -3.15
C SER A 211 16.96 1.72 -4.03
N THR A 212 17.02 2.76 -4.85
CA THR A 212 18.14 2.95 -5.77
C THR A 212 19.41 3.17 -4.96
N ALA A 213 19.41 4.00 -3.88
CA ALA A 213 20.58 4.22 -3.02
C ALA A 213 21.17 2.92 -2.43
N ILE A 214 20.33 2.05 -1.84
CA ILE A 214 20.74 0.78 -1.24
C ILE A 214 21.27 -0.22 -2.28
N HIS A 215 20.54 -0.27 -3.38
CA HIS A 215 20.92 -1.11 -4.47
C HIS A 215 22.33 -0.68 -4.91
N ASN A 216 22.54 0.64 -4.99
CA ASN A 216 23.81 1.11 -5.52
C ASN A 216 24.96 1.21 -4.54
N SER A 217 24.80 0.84 -3.26
CA SER A 217 25.84 0.88 -2.20
C SER A 217 27.02 -0.07 -2.28
N LYS A 218 28.22 0.35 -1.82
CA LYS A 218 29.42 -0.48 -1.99
C LYS A 218 29.89 -0.64 -0.57
N ASN A 219 30.05 -1.91 -0.25
CA ASN A 219 30.38 -2.34 1.07
C ASN A 219 29.63 -1.57 2.17
N GLY A 220 28.33 -1.31 1.92
CA GLY A 220 27.42 -0.75 2.92
C GLY A 220 27.37 0.74 2.98
N ALA A 221 28.15 1.39 2.12
CA ALA A 221 28.21 2.82 1.99
C ALA A 221 27.36 3.31 0.81
N LEU A 222 26.40 4.21 1.13
CA LEU A 222 25.49 4.87 0.19
C LEU A 222 26.26 5.76 -0.79
N PRO A 223 25.91 5.85 -2.09
CA PRO A 223 26.62 6.57 -3.17
C PRO A 223 26.92 8.04 -2.85
N LYS A 224 25.91 8.69 -2.26
CA LYS A 224 25.99 10.04 -1.70
C LYS A 224 25.13 10.13 -0.42
N PRO A 225 25.23 11.14 0.44
CA PRO A 225 24.27 11.34 1.56
C PRO A 225 22.79 11.35 1.17
N LEU A 226 21.90 10.83 1.99
CA LEU A 226 20.47 10.89 1.71
C LEU A 226 19.90 11.77 2.77
N GLU A 227 19.16 12.80 2.44
CA GLU A 227 18.65 13.66 3.48
C GLU A 227 17.17 13.36 3.58
N LEU A 228 16.81 12.82 4.73
CA LEU A 228 15.43 12.48 5.04
C LEU A 228 15.00 13.30 6.25
N LYS A 229 13.91 12.91 6.88
CA LYS A 229 13.39 13.63 8.05
C LYS A 229 13.13 12.69 9.22
N ASN A 230 13.43 13.18 10.43
CA ASN A 230 13.04 12.51 11.66
C ASN A 230 11.54 12.63 11.95
N ALA A 231 11.03 11.91 12.95
CA ALA A 231 9.63 11.93 13.34
C ALA A 231 9.07 13.32 13.67
N ASP A 232 9.94 14.25 14.10
CA ASP A 232 9.57 15.63 14.38
C ASP A 232 9.81 16.63 13.28
N GLY A 233 10.19 16.13 12.10
CA GLY A 233 10.42 16.94 10.94
C GLY A 233 11.78 17.53 10.86
N THR A 234 12.66 17.35 11.84
CA THR A 234 14.05 17.78 11.64
C THR A 234 14.74 16.90 10.59
N LYS A 235 15.72 17.52 9.96
CA LYS A 235 16.56 16.84 8.99
C LYS A 235 17.39 15.65 9.54
N TRP A 236 17.50 14.56 8.78
CA TRP A 236 18.26 13.38 9.16
C TRP A 236 19.24 13.04 8.02
N ILE A 237 20.56 12.96 8.19
CA ILE A 237 21.48 12.60 7.10
C ILE A 237 21.83 11.11 7.21
N VAL A 238 21.49 10.31 6.20
CA VAL A 238 21.80 8.91 6.15
C VAL A 238 23.06 8.74 5.29
N LEU A 239 24.08 8.02 5.76
CA LEU A 239 25.29 7.78 4.99
C LEU A 239 25.53 6.32 4.65
N ARG A 240 24.95 5.36 5.37
CA ARG A 240 25.26 3.90 5.30
C ARG A 240 23.96 3.15 5.25
N VAL A 241 23.96 1.99 4.60
CA VAL A 241 22.77 1.17 4.48
C VAL A 241 22.19 0.79 5.83
N ASP A 242 22.98 0.39 6.84
CA ASP A 242 22.39 0.02 8.11
C ASP A 242 21.79 1.14 8.98
N GLU A 243 21.87 2.38 8.55
CA GLU A 243 21.15 3.44 9.24
C GLU A 243 19.67 3.57 8.79
N ILE A 244 19.34 3.06 7.59
CA ILE A 244 17.98 3.15 7.02
C ILE A 244 17.44 1.72 6.97
N LYS A 245 18.27 0.66 6.95
CA LYS A 245 17.77 -0.70 6.85
C LYS A 245 16.73 -1.07 7.92
N PRO A 246 16.68 -0.55 9.16
CA PRO A 246 15.63 -0.91 10.10
C PRO A 246 14.23 -0.48 9.70
N ASP A 247 14.11 0.56 8.86
CA ASP A 247 12.82 1.08 8.43
C ASP A 247 12.24 0.54 7.14
N VAL A 248 13.01 -0.22 6.40
CA VAL A 248 12.64 -0.75 5.07
C VAL A 248 12.33 -2.23 5.08
N GLY A 249 11.09 -2.47 4.60
CA GLY A 249 10.52 -3.78 4.43
C GLY A 249 10.79 -4.34 3.03
N LEU A 250 10.67 -3.56 1.98
CA LEU A 250 10.85 -4.02 0.61
C LEU A 250 11.50 -2.95 -0.26
N LEU A 251 12.21 -3.38 -1.31
CA LEU A 251 12.84 -2.46 -2.20
C LEU A 251 12.10 -2.41 -3.50
N ASN A 252 12.03 -1.22 -4.06
CA ASN A 252 11.47 -1.03 -5.38
C ASN A 252 12.43 -1.74 -6.34
N TYR A 253 12.00 -2.20 -7.50
CA TYR A 253 12.92 -2.80 -8.46
C TYR A 253 13.90 -1.82 -9.10
N VAL A 254 15.17 -2.25 -9.05
CA VAL A 254 16.30 -1.55 -9.59
C VAL A 254 17.04 -2.68 -10.32
N ASN A 255 17.34 -2.35 -11.58
CA ASN A 255 18.00 -3.20 -12.53
C ASN A 255 19.48 -3.32 -12.19
N GLY A 256 20.05 -4.46 -12.53
CA GLY A 256 21.42 -4.76 -12.16
C GLY A 256 21.56 -5.63 -10.89
N THR A 257 22.81 -6.09 -10.66
CA THR A 257 23.16 -6.92 -9.50
C THR A 257 23.48 -5.89 -8.38
N CYS A 258 23.34 -6.31 -7.13
CA CYS A 258 23.72 -5.48 -5.99
C CYS A 258 24.31 -6.43 -4.98
N GLN A 259 24.92 -5.95 -3.92
CA GLN A 259 25.46 -6.83 -2.92
C GLN A 259 24.23 -7.40 -2.22
N ALA A 260 24.09 -8.71 -2.38
CA ALA A 260 22.94 -9.45 -1.91
C ALA A 260 22.78 -9.49 -0.42
N THR A 261 23.91 -9.47 0.26
CA THR A 261 23.83 -9.37 1.70
C THR A 261 24.77 -8.48 2.52
#